data_6FPQ
#
_entry.id   6FPQ
#
_cell.length_a   77.406
_cell.length_b   77.406
_cell.length_c   66.211
_cell.angle_alpha   90.00
_cell.angle_beta   90.00
_cell.angle_gamma   120.00
#
_symmetry.space_group_name_H-M   'P 65'
#
loop_
_entity.id
_entity.type
_entity.pdbx_description
1 polymer 'YTH domain-containing protein mmi1'
2 polymer "RNA (5'-R(*UP*UP*AP*AP*AP*CP*C)-3')"
3 non-polymer (4R)-2-METHYLPENTANE-2,4-DIOL
4 water water
#
loop_
_entity_poly.entity_id
_entity_poly.type
_entity_poly.pdbx_seq_one_letter_code
_entity_poly.pdbx_strand_id
1 'polypeptide(L)'
;SASRKEKPKARASTPPPLNFSRASEHRNEKGERISMINPRVVLDENGISHRSRYFIMLCDNETAIAHAKKTSIWAVKKDS
SKRISDAYKKASVYFIFVAQQTYNALGYAQVVSDLNSTELPFWSDSSHAGGVRIKWIKTCNLFSAEISEIVSHMDHGSEA
RDGMEMMYDEGSRLCTLINYAIMKRIGRDR
;
A
2 'polyribonucleotide' UUAAACC B
#
# COMPACT_ATOMS: atom_id res chain seq x y z
N PRO A 17 -3.72 17.41 -11.44
CA PRO A 17 -2.59 16.87 -10.68
C PRO A 17 -2.88 16.90 -9.20
N LEU A 18 -2.40 15.88 -8.48
CA LEU A 18 -2.66 15.75 -7.06
C LEU A 18 -1.72 16.67 -6.30
N ASN A 19 -2.28 17.42 -5.34
CA ASN A 19 -1.48 18.28 -4.47
C ASN A 19 -2.03 18.16 -3.06
N PHE A 20 -1.17 17.77 -2.11
CA PHE A 20 -1.64 17.63 -0.72
C PHE A 20 -1.53 18.91 0.10
N SER A 21 -0.92 19.96 -0.45
CA SER A 21 -0.77 21.21 0.30
C SER A 21 -2.11 21.73 0.81
N ARG A 22 -3.18 21.51 0.05
CA ARG A 22 -4.51 21.98 0.44
C ARG A 22 -5.45 20.83 0.75
N ALA A 23 -4.94 19.60 0.86
CA ALA A 23 -5.80 18.44 1.11
C ALA A 23 -6.67 18.63 2.34
N SER A 24 -6.10 19.23 3.40
CA SER A 24 -6.88 19.45 4.59
C SER A 24 -8.02 20.42 4.34
N GLU A 25 -7.98 21.17 3.23
CA GLU A 25 -9.03 22.14 2.97
C GLU A 25 -10.19 21.61 2.17
N HIS A 26 -10.14 20.33 1.78
CA HIS A 26 -11.23 19.70 1.04
C HIS A 26 -12.23 19.17 2.04
N ARG A 27 -13.42 19.77 2.05
CA ARG A 27 -14.38 19.54 3.11
C ARG A 27 -15.78 19.49 2.55
N ASN A 28 -16.63 18.73 3.22
CA ASN A 28 -18.01 18.71 2.81
C ASN A 28 -18.77 19.74 3.65
N GLU A 29 -20.10 19.80 3.44
CA GLU A 29 -20.90 20.81 4.11
C GLU A 29 -20.99 20.60 5.63
N LYS A 30 -20.68 19.41 6.10
CA LYS A 30 -20.66 19.13 7.53
C LYS A 30 -19.30 19.41 8.16
N GLY A 31 -18.34 19.87 7.37
CA GLY A 31 -17.00 20.12 7.87
C GLY A 31 -16.11 18.91 7.93
N GLU A 32 -16.54 17.75 7.39
CA GLU A 32 -15.67 16.57 7.37
C GLU A 32 -14.69 16.66 6.20
N ARG A 33 -13.47 16.18 6.43
CA ARG A 33 -12.51 16.12 5.33
C ARG A 33 -13.00 15.10 4.31
N ILE A 34 -12.78 15.41 3.03
CA ILE A 34 -13.15 14.49 1.96
C ILE A 34 -11.99 14.33 0.98
N SER A 35 -12.02 13.21 0.25
CA SER A 35 -11.02 12.92 -0.76
C SER A 35 -11.01 13.96 -1.86
N MET A 36 -9.78 14.27 -2.34
CA MET A 36 -9.59 15.15 -3.51
C MET A 36 -9.88 14.43 -4.82
N ILE A 37 -9.86 13.10 -4.81
CA ILE A 37 -10.14 12.35 -6.05
C ILE A 37 -11.62 12.03 -6.18
N ASN A 38 -12.23 11.59 -5.08
CA ASN A 38 -13.65 11.28 -5.08
C ASN A 38 -14.27 11.98 -3.88
N PRO A 39 -14.99 13.09 -4.09
CA PRO A 39 -15.50 13.89 -2.95
C PRO A 39 -16.55 13.18 -2.11
N ARG A 40 -17.06 12.02 -2.55
CA ARG A 40 -17.98 11.26 -1.74
C ARG A 40 -17.29 10.48 -0.64
N VAL A 41 -15.96 10.34 -0.68
CA VAL A 41 -15.24 9.52 0.30
C VAL A 41 -14.87 10.41 1.49
N VAL A 42 -15.41 10.10 2.67
CA VAL A 42 -15.19 10.91 3.89
C VAL A 42 -13.95 10.40 4.58
N LEU A 43 -13.09 11.32 5.02
CA LEU A 43 -11.77 10.99 5.55
C LEU A 43 -11.66 11.48 7.01
N ASP A 44 -10.78 10.86 7.77
CA ASP A 44 -10.44 11.42 9.08
C ASP A 44 -9.47 12.60 8.90
N GLU A 45 -9.00 13.17 10.03
CA GLU A 45 -8.10 14.32 9.93
C GLU A 45 -6.67 13.94 9.55
N ASN A 46 -6.43 12.65 9.33
CA ASN A 46 -5.19 12.17 8.72
C ASN A 46 -5.36 11.86 7.24
N GLY A 47 -6.52 12.14 6.65
CA GLY A 47 -6.71 11.79 5.25
C GLY A 47 -7.00 10.34 5.00
N ILE A 48 -7.41 9.58 6.04
CA ILE A 48 -7.60 8.12 5.90
C ILE A 48 -9.09 7.82 5.81
N SER A 49 -9.47 6.92 4.88
CA SER A 49 -10.84 6.46 4.80
C SER A 49 -11.11 5.27 5.72
N HIS A 50 -12.21 5.30 6.46
CA HIS A 50 -12.51 4.21 7.38
C HIS A 50 -12.80 2.91 6.65
N ARG A 51 -13.11 2.98 5.35
N ARG A 51 -13.14 2.94 5.35
CA ARG A 51 -13.57 1.84 4.59
CA ARG A 51 -13.53 1.73 4.66
C ARG A 51 -12.45 1.15 3.81
C ARG A 51 -12.41 1.11 3.82
N SER A 52 -11.39 1.87 3.43
CA SER A 52 -10.37 1.36 2.52
C SER A 52 -9.05 1.97 2.97
N ARG A 53 -8.13 1.12 3.43
CA ARG A 53 -6.90 1.57 4.07
C ARG A 53 -5.72 0.92 3.38
N TYR A 54 -4.64 1.70 3.24
CA TYR A 54 -3.50 1.36 2.40
C TYR A 54 -2.20 1.46 3.15
N PHE A 55 -1.37 0.44 3.07
CA PHE A 55 -0.05 0.41 3.72
C PHE A 55 1.01 0.11 2.69
N ILE A 56 2.18 0.77 2.82
CA ILE A 56 3.26 0.49 1.89
C ILE A 56 4.14 -0.62 2.44
N MET A 57 4.56 -1.56 1.57
CA MET A 57 5.56 -2.58 1.90
C MET A 57 6.78 -2.28 1.06
N LEU A 58 7.86 -1.81 1.70
CA LEU A 58 9.11 -1.50 1.00
C LEU A 58 9.95 -2.75 0.96
N CYS A 59 10.08 -3.33 -0.21
CA CYS A 59 10.67 -4.66 -0.37
C CYS A 59 12.16 -4.56 -0.63
N ASP A 60 12.97 -5.26 0.16
CA ASP A 60 14.41 -5.21 -0.02
C ASP A 60 14.99 -6.59 -0.34
N ASN A 61 14.16 -7.58 -0.68
CA ASN A 61 14.54 -9.00 -0.71
C ASN A 61 13.82 -9.62 -1.91
N GLU A 62 14.60 -9.91 -2.97
CA GLU A 62 13.99 -10.49 -4.16
C GLU A 62 13.34 -11.83 -3.86
N THR A 63 13.92 -12.61 -2.94
CA THR A 63 13.36 -13.90 -2.60
C THR A 63 11.97 -13.75 -2.02
N ALA A 64 11.78 -12.80 -1.09
CA ALA A 64 10.50 -12.68 -0.41
C ALA A 64 9.40 -12.26 -1.38
N ILE A 65 9.67 -11.24 -2.21
CA ILE A 65 8.60 -10.80 -3.09
C ILE A 65 8.29 -11.86 -4.15
N ALA A 66 9.30 -12.61 -4.65
CA ALA A 66 8.98 -13.64 -5.64
C ALA A 66 8.18 -14.76 -4.99
N HIS A 67 8.51 -15.12 -3.74
CA HIS A 67 7.73 -16.15 -3.07
C HIS A 67 6.30 -15.67 -2.79
N ALA A 68 6.16 -14.41 -2.42
CA ALA A 68 4.81 -13.89 -2.13
C ALA A 68 3.97 -13.79 -3.38
N LYS A 69 4.57 -13.46 -4.52
CA LYS A 69 3.80 -13.48 -5.77
C LYS A 69 3.37 -14.89 -6.13
N LYS A 70 4.09 -15.89 -5.66
N LYS A 70 4.09 -15.89 -5.70
CA LYS A 70 3.77 -17.30 -5.93
CA LYS A 70 3.63 -17.25 -5.98
C LYS A 70 2.79 -17.89 -4.92
C LYS A 70 2.65 -17.75 -4.93
N THR A 71 2.91 -17.53 -3.64
CA THR A 71 2.14 -18.22 -2.60
C THR A 71 1.07 -17.37 -1.92
N SER A 72 1.10 -16.03 -2.13
CA SER A 72 0.12 -15.11 -1.57
C SER A 72 0.16 -15.04 -0.03
N ILE A 73 1.34 -15.25 0.57
CA ILE A 73 1.54 -15.09 2.00
C ILE A 73 2.59 -14.00 2.17
N TRP A 74 2.37 -13.11 3.14
CA TRP A 74 3.34 -12.06 3.45
C TRP A 74 3.65 -12.07 4.95
N ALA A 75 4.86 -11.72 5.33
CA ALA A 75 5.22 -11.56 6.73
C ALA A 75 5.18 -10.08 7.07
N VAL A 76 4.44 -9.74 8.15
CA VAL A 76 4.27 -8.34 8.55
C VAL A 76 5.27 -8.01 9.66
N LYS A 77 5.86 -6.82 9.56
CA LYS A 77 6.86 -6.39 10.52
C LYS A 77 6.23 -6.11 11.90
N LYS A 78 6.99 -6.38 12.96
CA LYS A 78 6.53 -6.05 14.32
C LYS A 78 6.11 -4.58 14.45
N ASP A 79 6.84 -3.66 13.83
CA ASP A 79 6.53 -2.24 14.10
C ASP A 79 5.19 -1.82 13.52
N SER A 80 4.70 -2.46 12.46
CA SER A 80 3.42 -2.06 11.88
C SER A 80 2.29 -3.05 12.07
N SER A 81 2.57 -4.19 12.71
CA SER A 81 1.56 -5.25 12.82
C SER A 81 0.31 -4.84 13.55
N LYS A 82 0.41 -4.13 14.68
CA LYS A 82 -0.77 -3.79 15.45
C LYS A 82 -1.68 -2.88 14.65
N ARG A 83 -1.12 -1.88 13.96
CA ARG A 83 -1.98 -0.95 13.22
C ARG A 83 -2.65 -1.65 12.06
N ILE A 84 -1.92 -2.52 11.34
CA ILE A 84 -2.52 -3.28 10.22
C ILE A 84 -3.62 -4.22 10.72
N SER A 85 -3.38 -4.92 11.84
CA SER A 85 -4.42 -5.85 12.30
C SER A 85 -5.65 -5.07 12.76
N ASP A 86 -5.44 -3.92 13.44
CA ASP A 86 -6.58 -3.08 13.82
C ASP A 86 -7.34 -2.57 12.58
N ALA A 87 -6.62 -2.15 11.53
CA ALA A 87 -7.30 -1.71 10.32
C ALA A 87 -8.12 -2.82 9.66
N TYR A 88 -7.67 -4.09 9.78
CA TYR A 88 -8.40 -5.20 9.18
C TYR A 88 -9.73 -5.47 9.87
N LYS A 89 -9.96 -4.93 11.07
CA LYS A 89 -11.22 -5.19 11.79
C LYS A 89 -12.42 -4.65 11.06
N LYS A 90 -12.32 -3.42 10.48
CA LYS A 90 -13.51 -2.81 9.92
C LYS A 90 -13.25 -2.17 8.56
N ALA A 91 -12.13 -2.43 7.92
CA ALA A 91 -11.89 -1.84 6.61
C ALA A 91 -11.38 -2.91 5.65
N SER A 92 -11.47 -2.62 4.34
CA SER A 92 -10.66 -3.35 3.36
C SER A 92 -9.26 -2.80 3.44
N VAL A 93 -8.27 -3.66 3.58
CA VAL A 93 -6.87 -3.26 3.79
C VAL A 93 -6.07 -3.73 2.59
N TYR A 94 -5.26 -2.85 2.04
CA TYR A 94 -4.44 -3.13 0.86
C TYR A 94 -2.99 -2.88 1.18
N PHE A 95 -2.10 -3.70 0.63
CA PHE A 95 -0.66 -3.46 0.67
C PHE A 95 -0.22 -3.09 -0.75
N ILE A 96 0.56 -2.03 -0.85
CA ILE A 96 1.18 -1.61 -2.10
C ILE A 96 2.66 -1.88 -1.94
N PHE A 97 3.18 -2.73 -2.82
CA PHE A 97 4.56 -3.22 -2.72
C PHE A 97 5.46 -2.38 -3.63
N VAL A 98 6.54 -1.87 -3.05
CA VAL A 98 7.45 -0.97 -3.77
C VAL A 98 8.86 -1.39 -3.44
N ALA A 99 9.73 -1.46 -4.45
CA ALA A 99 11.11 -1.86 -4.20
C ALA A 99 11.81 -0.75 -3.44
N GLN A 100 12.51 -1.05 -2.31
N GLN A 100 12.59 -1.20 -2.44
CA GLN A 100 13.03 0.06 -1.49
CA GLN A 100 13.11 -0.34 -1.41
C GLN A 100 14.10 0.88 -2.22
C GLN A 100 14.09 0.67 -1.98
N GLN A 101 14.98 0.24 -2.93
CA GLN A 101 16.03 1.09 -3.45
C GLN A 101 15.65 1.73 -4.77
N THR A 102 14.84 1.11 -5.59
CA THR A 102 14.55 1.69 -6.92
C THR A 102 13.21 2.41 -7.00
N TYR A 103 12.29 2.16 -6.06
CA TYR A 103 10.90 2.62 -6.09
C TYR A 103 10.11 2.08 -7.27
N ASN A 104 10.57 1.00 -7.88
CA ASN A 104 9.65 0.31 -8.79
C ASN A 104 8.44 -0.20 -8.01
N ALA A 105 7.27 -0.02 -8.60
CA ALA A 105 6.06 -0.66 -8.04
C ALA A 105 6.08 -2.14 -8.42
N LEU A 106 5.83 -2.99 -7.43
CA LEU A 106 5.82 -4.44 -7.63
C LEU A 106 4.43 -5.02 -7.68
N GLY A 107 3.44 -4.30 -7.20
CA GLY A 107 2.02 -4.68 -7.31
C GLY A 107 1.25 -4.23 -6.10
N TYR A 108 -0.01 -4.65 -6.05
CA TYR A 108 -0.79 -4.38 -4.85
C TYR A 108 -1.77 -5.49 -4.63
N ALA A 109 -2.14 -5.67 -3.36
CA ALA A 109 -2.92 -6.87 -3.00
C ALA A 109 -3.85 -6.48 -1.85
N GLN A 110 -4.94 -7.22 -1.69
CA GLN A 110 -5.82 -7.04 -0.56
C GLN A 110 -5.42 -8.02 0.52
N VAL A 111 -5.41 -7.60 1.78
CA VAL A 111 -5.18 -8.51 2.92
C VAL A 111 -6.45 -9.30 3.15
N VAL A 112 -6.33 -10.64 3.12
CA VAL A 112 -7.51 -11.48 3.25
C VAL A 112 -7.44 -12.44 4.44
N SER A 113 -6.45 -12.24 5.28
N SER A 113 -6.37 -12.43 5.25
CA SER A 113 -6.52 -12.77 6.63
CA SER A 113 -6.38 -13.14 6.54
C SER A 113 -5.89 -11.78 7.56
C SER A 113 -5.60 -12.30 7.54
N ASP A 114 -6.17 -12.05 8.78
CA ASP A 114 -5.55 -11.24 9.81
C ASP A 114 -4.22 -11.87 10.17
N LEU A 115 -3.44 -11.11 10.94
CA LEU A 115 -2.14 -11.57 11.42
C LEU A 115 -2.28 -12.87 12.17
N ASN A 116 -1.38 -13.83 11.89
CA ASN A 116 -1.48 -15.08 12.62
C ASN A 116 -0.09 -15.68 12.72
N SER A 117 0.08 -16.60 13.66
CA SER A 117 1.35 -17.28 13.83
C SER A 117 1.32 -18.68 13.25
N THR A 118 0.24 -19.05 12.58
CA THR A 118 0.07 -20.42 12.12
C THR A 118 0.67 -20.59 10.74
N GLU A 119 0.61 -19.58 9.92
CA GLU A 119 1.09 -19.65 8.54
C GLU A 119 2.10 -18.50 8.31
N LEU A 120 3.42 -18.83 8.40
N LEU A 120 3.41 -18.80 8.38
CA LEU A 120 4.49 -17.88 8.17
CA LEU A 120 4.48 -17.83 8.20
C LEU A 120 5.21 -18.27 6.89
C LEU A 120 5.35 -18.23 7.02
N PRO A 121 5.68 -17.31 6.11
CA PRO A 121 6.54 -17.65 4.98
C PRO A 121 7.88 -18.07 5.54
N PHE A 122 8.55 -18.93 4.80
CA PHE A 122 9.81 -19.46 5.28
C PHE A 122 10.87 -18.38 5.46
N TRP A 123 10.74 -17.27 4.76
CA TRP A 123 11.72 -16.21 4.78
C TRP A 123 11.50 -15.23 5.91
N SER A 124 10.49 -15.43 6.76
CA SER A 124 10.26 -14.52 7.87
C SER A 124 11.40 -14.62 8.89
N ASP A 125 11.59 -13.52 9.65
CA ASP A 125 12.72 -13.43 10.56
C ASP A 125 12.26 -12.72 11.83
N SER A 126 13.21 -12.39 12.71
CA SER A 126 12.85 -11.81 13.99
C SER A 126 12.30 -10.40 13.87
N SER A 127 12.35 -9.77 12.69
CA SER A 127 11.70 -8.47 12.55
C SER A 127 10.18 -8.59 12.39
N HIS A 128 9.67 -9.81 12.20
CA HIS A 128 8.27 -9.98 11.77
C HIS A 128 7.43 -10.45 12.92
N ALA A 129 6.23 -9.95 12.96
CA ALA A 129 5.33 -10.32 14.00
C ALA A 129 4.58 -11.61 13.70
N GLY A 130 4.30 -11.88 12.42
CA GLY A 130 3.48 -13.00 12.02
C GLY A 130 3.20 -12.87 10.52
N GLY A 131 2.29 -13.70 10.03
CA GLY A 131 1.95 -13.77 8.62
C GLY A 131 0.54 -13.24 8.35
N VAL A 132 0.27 -12.82 7.10
CA VAL A 132 -1.08 -12.61 6.60
C VAL A 132 -1.18 -13.25 5.23
N ARG A 133 -2.38 -13.63 4.85
N ARG A 133 -2.39 -13.64 4.87
N ARG A 133 -2.39 -13.62 4.86
CA ARG A 133 -2.58 -14.05 3.47
CA ARG A 133 -2.73 -14.01 3.50
CA ARG A 133 -2.66 -14.02 3.49
C ARG A 133 -3.17 -12.88 2.69
C ARG A 133 -3.07 -12.74 2.73
C ARG A 133 -3.11 -12.80 2.71
N ILE A 134 -2.68 -12.74 1.45
CA ILE A 134 -3.07 -11.63 0.55
C ILE A 134 -3.73 -12.20 -0.71
N LYS A 135 -4.43 -11.33 -1.43
CA LYS A 135 -5.03 -11.62 -2.73
C LYS A 135 -4.48 -10.56 -3.69
N TRP A 136 -3.60 -10.99 -4.61
CA TRP A 136 -3.01 -10.03 -5.52
C TRP A 136 -4.07 -9.44 -6.43
N ILE A 137 -4.01 -8.13 -6.61
N ILE A 137 -4.01 -8.11 -6.59
CA ILE A 137 -4.91 -7.42 -7.55
CA ILE A 137 -4.90 -7.41 -7.54
C ILE A 137 -4.19 -7.09 -8.85
C ILE A 137 -4.12 -7.22 -8.84
N LYS A 138 -2.98 -6.54 -8.74
CA LYS A 138 -2.08 -6.41 -9.89
C LYS A 138 -0.66 -6.77 -9.45
N THR A 139 0.11 -7.32 -10.39
CA THR A 139 1.56 -7.51 -10.16
C THR A 139 2.30 -6.79 -11.30
N CYS A 140 3.51 -6.37 -11.01
CA CYS A 140 4.25 -5.59 -12.01
C CYS A 140 5.70 -5.45 -11.56
N ASN A 141 6.49 -4.79 -12.43
N ASN A 141 6.52 -4.89 -12.47
CA ASN A 141 7.85 -4.38 -12.01
CA ASN A 141 7.88 -4.38 -12.16
C ASN A 141 8.07 -3.07 -12.78
C ASN A 141 7.95 -3.05 -12.88
N LEU A 142 7.49 -2.00 -12.23
CA LEU A 142 7.12 -0.80 -12.97
C LEU A 142 7.84 0.42 -12.43
N PHE A 143 8.48 1.18 -13.32
CA PHE A 143 8.93 2.52 -12.95
C PHE A 143 7.95 3.56 -13.46
N SER A 144 7.49 4.40 -12.56
CA SER A 144 6.65 5.53 -12.97
C SER A 144 7.11 6.71 -12.15
N ALA A 145 7.40 7.83 -12.84
CA ALA A 145 7.88 9.00 -12.12
C ALA A 145 6.90 9.49 -11.06
N GLU A 146 5.59 9.44 -11.34
CA GLU A 146 4.66 9.91 -10.32
C GLU A 146 4.59 8.94 -9.13
N ILE A 147 4.67 7.61 -9.37
CA ILE A 147 4.74 6.68 -8.24
C ILE A 147 5.95 6.99 -7.37
N SER A 148 7.11 7.16 -8.01
N SER A 148 7.12 7.22 -7.99
CA SER A 148 8.32 7.52 -7.30
CA SER A 148 8.30 7.51 -7.19
C SER A 148 8.10 8.76 -6.45
C SER A 148 8.18 8.83 -6.45
N GLU A 149 7.51 9.82 -7.03
CA GLU A 149 7.32 11.05 -6.31
C GLU A 149 6.40 10.85 -5.13
N ILE A 150 5.30 10.08 -5.30
CA ILE A 150 4.39 9.87 -4.18
C ILE A 150 5.12 9.14 -3.04
N VAL A 151 5.90 8.10 -3.37
CA VAL A 151 6.62 7.36 -2.32
C VAL A 151 7.66 8.26 -1.65
N SER A 152 8.31 9.13 -2.44
N SER A 152 8.36 9.07 -2.44
CA SER A 152 9.37 10.00 -1.91
CA SER A 152 9.42 9.90 -1.87
C SER A 152 8.85 11.05 -0.96
C SER A 152 8.87 11.05 -1.04
N HIS A 153 7.56 11.37 -0.99
N HIS A 153 7.55 11.25 -1.05
CA HIS A 153 6.98 12.39 -0.12
CA HIS A 153 6.93 12.32 -0.28
C HIS A 153 5.92 11.83 0.80
C HIS A 153 5.91 11.81 0.72
N MET A 154 5.82 10.49 0.93
CA MET A 154 4.70 9.89 1.67
C MET A 154 4.75 10.21 3.16
N ASP A 155 5.95 10.42 3.72
CA ASP A 155 6.07 10.75 5.15
C ASP A 155 6.22 12.25 5.29
N HIS A 156 5.11 13.00 5.17
N HIS A 156 5.07 12.95 5.24
CA HIS A 156 5.17 14.47 5.35
CA HIS A 156 4.99 14.40 5.19
C HIS A 156 6.21 15.15 4.44
C HIS A 156 6.14 15.06 4.44
N GLY A 157 6.28 14.73 3.18
CA GLY A 157 7.26 15.30 2.30
C GLY A 157 8.61 14.61 2.26
N SER A 158 8.81 13.58 3.13
CA SER A 158 10.05 12.82 3.14
C SER A 158 9.70 11.39 2.77
N GLU A 159 10.73 10.59 2.53
CA GLU A 159 10.53 9.25 1.99
C GLU A 159 9.67 8.34 2.90
N ALA A 160 8.91 7.44 2.26
CA ALA A 160 8.03 6.54 2.99
C ALA A 160 8.85 5.71 3.95
N ARG A 161 8.24 5.43 5.10
CA ARG A 161 8.81 4.46 6.04
C ARG A 161 8.10 3.12 5.84
N ASP A 162 8.83 2.02 6.00
CA ASP A 162 8.28 0.72 5.70
C ASP A 162 7.09 0.41 6.62
N GLY A 163 6.00 -0.06 6.01
CA GLY A 163 4.80 -0.45 6.77
C GLY A 163 3.92 0.72 7.14
N MET A 164 4.28 1.95 6.78
CA MET A 164 3.43 3.06 7.18
C MET A 164 2.09 3.00 6.45
N GLU A 165 1.07 3.51 7.14
CA GLU A 165 -0.17 3.79 6.43
C GLU A 165 -0.08 5.08 5.63
N MET A 166 -0.66 5.06 4.42
CA MET A 166 -0.70 6.27 3.62
C MET A 166 -2.13 6.83 3.61
N MET A 167 -2.31 8.00 3.01
N MET A 167 -2.28 8.02 3.01
CA MET A 167 -3.66 8.56 2.93
CA MET A 167 -3.60 8.63 2.84
C MET A 167 -4.45 7.96 1.77
C MET A 167 -4.45 7.88 1.79
N TYR A 168 -5.78 7.97 1.93
CA TYR A 168 -6.67 7.39 0.91
C TYR A 168 -6.27 7.86 -0.49
N ASP A 169 -6.05 9.16 -0.68
CA ASP A 169 -5.76 9.64 -2.04
C ASP A 169 -4.42 9.15 -2.56
N GLU A 170 -3.43 8.97 -1.66
CA GLU A 170 -2.17 8.35 -2.10
C GLU A 170 -2.38 6.90 -2.52
N GLY A 171 -3.06 6.10 -1.70
CA GLY A 171 -3.33 4.70 -2.08
C GLY A 171 -4.13 4.63 -3.37
N SER A 172 -5.14 5.45 -3.51
N SER A 172 -5.21 5.42 -3.45
CA SER A 172 -5.99 5.34 -4.68
CA SER A 172 -6.05 5.49 -4.64
C SER A 172 -5.22 5.80 -5.93
C SER A 172 -5.20 5.78 -5.88
N ARG A 173 -4.41 6.86 -5.82
CA ARG A 173 -3.63 7.27 -6.98
C ARG A 173 -2.63 6.21 -7.39
N LEU A 174 -1.96 5.58 -6.42
CA LEU A 174 -1.01 4.52 -6.75
C LEU A 174 -1.70 3.36 -7.43
N CYS A 175 -2.87 2.96 -6.98
CA CYS A 175 -3.59 1.88 -7.68
C CYS A 175 -3.95 2.29 -9.09
N THR A 176 -4.40 3.53 -9.29
CA THR A 176 -4.74 4.01 -10.62
C THR A 176 -3.50 3.99 -11.51
N LEU A 177 -2.34 4.44 -10.99
CA LEU A 177 -1.12 4.53 -11.81
C LEU A 177 -0.64 3.12 -12.20
N ILE A 178 -0.66 2.18 -11.26
CA ILE A 178 -0.29 0.79 -11.55
C ILE A 178 -1.24 0.23 -12.61
N ASN A 179 -2.56 0.40 -12.41
CA ASN A 179 -3.51 -0.13 -13.38
C ASN A 179 -3.26 0.46 -14.74
N TYR A 180 -3.01 1.77 -14.82
CA TYR A 180 -2.85 2.43 -16.12
C TYR A 180 -1.62 1.87 -16.85
N ALA A 181 -0.48 1.75 -16.14
CA ALA A 181 0.70 1.22 -16.81
C ALA A 181 0.44 -0.20 -17.32
N ILE A 182 -0.13 -1.06 -16.46
CA ILE A 182 -0.38 -2.44 -16.89
C ILE A 182 -1.28 -2.45 -18.13
N MET A 183 -2.32 -1.60 -18.18
CA MET A 183 -3.16 -1.65 -19.35
C MET A 183 -2.46 -1.12 -20.58
N LYS A 184 -1.42 -0.30 -20.45
CA LYS A 184 -0.60 0.15 -21.60
C LYS A 184 0.56 -0.78 -21.91
N ARG A 185 0.62 -1.93 -21.23
N ARG A 185 0.59 -1.95 -21.24
CA ARG A 185 1.68 -2.90 -21.50
CA ARG A 185 1.64 -2.96 -21.44
C ARG A 185 3.03 -2.39 -21.07
C ARG A 185 3.02 -2.42 -21.05
N ILE A 186 3.04 -1.61 -20.00
CA ILE A 186 4.27 -1.06 -19.41
C ILE A 186 4.49 -1.67 -18.02
N GLY A 187 5.67 -2.26 -17.81
CA GLY A 187 6.00 -2.76 -16.49
C GLY A 187 5.32 -4.04 -16.10
N ARG A 188 4.79 -4.80 -17.07
CA ARG A 188 4.15 -6.05 -16.71
C ARG A 188 5.22 -7.05 -16.22
N ASP A 189 4.82 -7.96 -15.35
CA ASP A 189 5.71 -9.08 -15.00
C ASP A 189 5.19 -10.44 -15.42
N ARG A 190 4.05 -10.49 -16.11
CA ARG A 190 3.52 -11.75 -16.62
C ARG A 190 2.64 -11.46 -17.82
#